data_8BT2
#
_entry.id   8BT2
#
_cell.length_a   60.036
_cell.length_b   71.472
_cell.length_c   78.341
_cell.angle_alpha   90.00
_cell.angle_beta   90.00
_cell.angle_gamma   90.00
#
_symmetry.space_group_name_H-M   'P 21 21 21'
#
loop_
_entity.id
_entity.type
_entity.pdbx_description
1 polymer 'Palmitoleoyl-protein carboxylesterase NOTUM'
2 non-polymer 2-acetamido-2-deoxy-beta-D-glucopyranose
3 non-polymer 'SULFATE ION'
4 non-polymer 'DIMETHYL SULFOXIDE'
5 non-polymer 1,2-ETHANEDIOL
6 non-polymer 1-[5-chloranyl-4-(trifluoromethyl)-2,3-dihydroindol-1-yl]ethanone
7 water water
#
_entity_poly.entity_id   1
_entity_poly.type   'polypeptide(L)'
_entity_poly.pdbx_seq_one_letter_code
;ETGSAQQLNEDLRLHLLLNTSVTCNDGSPAGYYLKESRGSRRWLLFLEGGWYCFNRENCDSRYDTMRRLMSSRDWPRTRT
GTGILSSQPEENPYWWNANMVFIPYCSSDVWSGASSKSEKNEYAFMGALIIQEVVRELLGRGLSGAKVLLLAGSSAGGTG
VLLNVDRVAEQLEKLGYPAIQVRGLADSGWFLDNKQYRHTDCVDTITCAPTEAIRRGIRYWNGVVPERCRRQFQEGEEWN
CFFGYKVYPTLRSPVFVVQWLFDEAQLTVDNVHLTGQPVQEGLRLYIQNLGRELRHTLKDVPASFAPACLSHEIIIRSHW
TDVQVKGTSLPRALHCWDRSLHDSHKASKTPLKGCPVHLVDSCPWPHCNPSCPTGTKHHHHHH
;
_entity_poly.pdbx_strand_id   A
#
loop_
_chem_comp.id
_chem_comp.type
_chem_comp.name
_chem_comp.formula
DMS non-polymer 'DIMETHYL SULFOXIDE' 'C2 H6 O S'
EDO non-polymer 1,2-ETHANEDIOL 'C2 H6 O2'
NAG D-saccharide, beta linking 2-acetamido-2-deoxy-beta-D-glucopyranose 'C8 H15 N O6'
RG0 non-polymer 1-[5-chloranyl-4-(trifluoromethyl)-2,3-dihydroindol-1-yl]ethanone 'C11 H9 Cl F3 N O'
SO4 non-polymer 'SULFATE ION' 'O4 S -2'
#
# COMPACT_ATOMS: atom_id res chain seq x y z
N ASP A 11 -5.60 7.44 -20.28
CA ASP A 11 -4.18 7.53 -20.02
C ASP A 11 -3.79 8.58 -18.99
N LEU A 12 -2.87 8.18 -18.12
CA LEU A 12 -2.16 9.09 -17.24
C LEU A 12 -0.81 9.42 -17.86
N ARG A 13 -0.42 10.68 -17.83
CA ARG A 13 0.78 11.12 -18.53
C ARG A 13 1.94 11.28 -17.56
N LEU A 14 3.13 10.84 -17.99
CA LEU A 14 4.30 10.85 -17.13
C LEU A 14 4.83 12.27 -16.94
N HIS A 15 5.15 12.60 -15.69
CA HIS A 15 5.90 13.80 -15.34
C HIS A 15 7.06 13.40 -14.45
N LEU A 16 8.28 13.59 -14.94
CA LEU A 16 9.44 13.39 -14.10
C LEU A 16 9.61 14.58 -13.16
N LEU A 17 10.07 14.31 -11.95
CA LEU A 17 10.14 15.34 -10.93
C LEU A 17 11.10 16.46 -11.34
N LEU A 18 10.64 17.70 -11.18
CA LEU A 18 11.50 18.84 -11.48
C LEU A 18 12.69 18.91 -10.54
N ASN A 19 12.51 18.49 -9.29
CA ASN A 19 13.59 18.37 -8.32
C ASN A 19 14.31 17.06 -8.61
N THR A 20 15.40 17.13 -9.36
CA THR A 20 16.14 15.93 -9.76
C THR A 20 17.03 15.39 -8.65
N SER A 21 17.01 15.98 -7.46
CA SER A 21 17.66 15.36 -6.31
C SER A 21 16.83 14.24 -5.71
N VAL A 22 15.54 14.18 -6.05
CA VAL A 22 14.63 13.15 -5.58
C VAL A 22 14.58 12.08 -6.67
N THR A 23 15.27 10.96 -6.43
CA THR A 23 15.60 10.01 -7.49
C THR A 23 15.10 8.61 -7.17
N CYS A 24 15.04 7.79 -8.21
CA CYS A 24 14.87 6.35 -8.07
C CYS A 24 16.15 5.76 -7.50
N ASN A 25 16.20 4.42 -7.43
CA ASN A 25 17.34 3.74 -6.80
C ASN A 25 18.66 4.12 -7.47
N ASP A 26 18.69 4.16 -8.80
CA ASP A 26 19.94 4.35 -9.54
C ASP A 26 20.26 5.81 -9.82
N GLY A 27 19.55 6.75 -9.21
CA GLY A 27 19.82 8.15 -9.42
C GLY A 27 19.01 8.80 -10.52
N SER A 28 18.30 8.03 -11.32
CA SER A 28 17.41 8.62 -12.31
C SER A 28 16.24 9.31 -11.61
N PRO A 29 15.69 10.37 -12.20
CA PRO A 29 14.62 11.11 -11.52
C PRO A 29 13.38 10.24 -11.31
N ALA A 30 12.78 10.39 -10.14
CA ALA A 30 11.48 9.78 -9.89
C ALA A 30 10.40 10.58 -10.63
N GLY A 31 9.16 10.17 -10.49
CA GLY A 31 8.09 10.87 -11.18
C GLY A 31 6.72 10.38 -10.78
N TYR A 32 5.74 10.76 -11.59
CA TYR A 32 4.35 10.42 -11.36
C TYR A 32 3.60 10.51 -12.68
N TYR A 33 2.55 9.70 -12.80
CA TYR A 33 1.64 9.75 -13.94
C TYR A 33 0.37 10.46 -13.49
N LEU A 34 -0.07 11.43 -14.30
CA LEU A 34 -1.16 12.30 -13.92
C LEU A 34 -2.23 12.35 -15.00
N LYS A 35 -3.48 12.18 -14.61
CA LYS A 35 -4.63 12.42 -15.45
C LYS A 35 -5.52 13.39 -14.70
N GLU A 36 -5.53 14.64 -15.15
CA GLU A 36 -6.29 15.65 -14.41
C GLU A 36 -7.78 15.56 -14.73
N SER A 37 -8.58 16.08 -13.81
CA SER A 37 -10.03 16.17 -13.97
C SER A 37 -10.47 17.54 -13.47
N ARG A 38 -10.65 18.49 -14.38
CA ARG A 38 -11.00 19.84 -13.97
C ARG A 38 -12.38 19.85 -13.33
N GLY A 39 -12.60 20.80 -12.42
CA GLY A 39 -13.86 20.85 -11.72
C GLY A 39 -14.07 19.74 -10.71
N SER A 40 -13.06 18.90 -10.49
CA SER A 40 -13.06 17.92 -9.41
C SER A 40 -12.03 18.34 -8.37
N ARG A 41 -12.44 18.37 -7.12
CA ARG A 41 -11.55 18.68 -6.02
C ARG A 41 -11.10 17.43 -5.28
N ARG A 42 -11.29 16.26 -5.87
CA ARG A 42 -10.82 15.00 -5.31
C ARG A 42 -9.53 14.60 -6.01
N TRP A 43 -8.53 14.21 -5.22
CA TRP A 43 -7.23 13.81 -5.74
C TRP A 43 -6.87 12.44 -5.18
N LEU A 44 -6.55 11.51 -6.08
CA LEU A 44 -6.18 10.15 -5.72
C LEU A 44 -4.71 9.94 -6.08
N LEU A 45 -3.87 9.74 -5.07
CA LEU A 45 -2.44 9.50 -5.27
C LEU A 45 -2.17 8.05 -4.89
N PHE A 46 -1.86 7.22 -5.89
CA PHE A 46 -1.71 5.79 -5.70
C PHE A 46 -0.23 5.41 -5.65
N LEU A 47 0.15 4.64 -4.63
CA LEU A 47 1.51 4.17 -4.47
C LEU A 47 1.62 2.75 -5.00
N GLU A 48 2.43 2.56 -6.05
CA GLU A 48 2.66 1.24 -6.60
C GLU A 48 3.43 0.37 -5.59
N GLY A 49 3.19 -0.93 -5.67
CA GLY A 49 3.94 -1.90 -4.88
C GLY A 49 4.98 -2.62 -5.70
N GLY A 50 5.58 -3.65 -5.10
CA GLY A 50 6.56 -4.45 -5.79
C GLY A 50 7.71 -4.91 -4.91
N TRP A 51 7.38 -5.45 -3.74
CA TRP A 51 8.36 -6.02 -2.80
C TRP A 51 9.36 -4.92 -2.41
N TYR A 52 10.65 -5.25 -2.33
CA TYR A 52 11.70 -4.39 -1.80
C TYR A 52 13.02 -5.14 -1.97
N CYS A 53 14.11 -4.46 -1.62
CA CYS A 53 15.41 -5.12 -1.48
C CYS A 53 16.16 -4.44 -0.35
N PHE A 54 16.84 -5.23 0.47
CA PHE A 54 17.38 -4.73 1.73
C PHE A 54 18.89 -4.95 1.88
N ASN A 55 19.61 -5.26 0.80
CA ASN A 55 21.06 -5.22 0.83
C ASN A 55 21.58 -5.06 -0.60
N ARG A 56 22.87 -4.76 -0.70
CA ARG A 56 23.50 -4.56 -2.00
C ARG A 56 23.31 -5.77 -2.90
N GLU A 57 23.46 -6.98 -2.35
CA GLU A 57 23.40 -8.19 -3.16
C GLU A 57 22.02 -8.37 -3.78
N ASN A 58 20.97 -8.25 -2.96
CA ASN A 58 19.62 -8.44 -3.47
C ASN A 58 19.18 -7.28 -4.35
N CYS A 59 19.64 -6.06 -4.06
CA CYS A 59 19.28 -4.92 -4.90
C CYS A 59 19.96 -5.00 -6.26
N ASP A 60 21.19 -5.51 -6.30
CA ASP A 60 21.87 -5.71 -7.59
C ASP A 60 21.11 -6.70 -8.46
N SER A 61 20.64 -7.81 -7.87
CA SER A 61 19.85 -8.77 -8.63
C SER A 61 18.54 -8.15 -9.11
N ARG A 62 17.90 -7.34 -8.25
CA ARG A 62 16.69 -6.63 -8.63
C ARG A 62 16.94 -5.67 -9.78
N TYR A 63 18.19 -5.18 -9.90
CA TYR A 63 18.48 -4.20 -10.94
C TYR A 63 18.66 -4.86 -12.33
N ASP A 64 19.14 -6.11 -12.45
CA ASP A 64 19.10 -6.70 -13.81
C ASP A 64 17.72 -7.21 -14.18
N THR A 65 16.88 -7.66 -13.25
CA THR A 65 15.66 -8.30 -13.76
C THR A 65 14.36 -7.60 -13.41
N MET A 66 14.41 -6.53 -12.61
CA MET A 66 13.24 -5.76 -12.22
C MET A 66 13.61 -4.29 -12.20
N ARG A 67 14.22 -3.82 -13.30
CA ARG A 67 14.85 -2.50 -13.30
C ARG A 67 13.83 -1.36 -13.28
N ARG A 68 12.65 -1.56 -13.88
CA ARG A 68 11.64 -0.51 -13.83
C ARG A 68 11.23 -0.19 -12.41
N LEU A 69 11.43 -1.11 -11.46
CA LEU A 69 11.21 -0.84 -10.05
C LEU A 69 12.42 -0.23 -9.38
N MET A 70 13.46 0.14 -10.14
CA MET A 70 14.61 0.78 -9.53
C MET A 70 15.11 1.95 -10.36
N SER A 71 14.41 2.32 -11.43
CA SER A 71 14.91 3.32 -12.36
C SER A 71 13.76 3.79 -13.24
N SER A 72 13.85 5.05 -13.67
CA SER A 72 12.87 5.63 -14.58
C SER A 72 13.35 5.67 -16.01
N ARG A 73 14.54 5.10 -16.30
CA ARG A 73 15.12 5.25 -17.63
C ARG A 73 14.24 4.65 -18.72
N ASP A 74 13.50 3.59 -18.40
CA ASP A 74 12.71 2.86 -19.39
C ASP A 74 11.21 3.03 -19.17
N TRP A 75 10.79 4.01 -18.38
CA TRP A 75 9.37 4.21 -18.15
C TRP A 75 8.68 4.65 -19.44
N PRO A 76 7.48 4.16 -19.70
CA PRO A 76 6.68 4.71 -20.80
C PRO A 76 6.14 6.08 -20.43
N ARG A 77 5.81 6.86 -21.46
CA ARG A 77 5.34 8.21 -21.18
C ARG A 77 3.86 8.26 -20.80
N THR A 78 3.12 7.17 -20.96
CA THR A 78 1.74 7.10 -20.51
C THR A 78 1.48 5.75 -19.85
N ARG A 79 0.44 5.71 -19.02
CA ARG A 79 -0.09 4.49 -18.45
C ARG A 79 -1.62 4.56 -18.46
N THR A 80 -2.25 3.39 -18.54
CA THR A 80 -3.71 3.31 -18.52
C THR A 80 -4.19 3.12 -17.09
N GLY A 81 -5.10 3.99 -16.66
CA GLY A 81 -5.68 3.86 -15.33
C GLY A 81 -6.63 2.68 -15.26
N THR A 82 -6.44 1.83 -14.26
CA THR A 82 -7.26 0.64 -14.08
C THR A 82 -7.81 0.60 -12.65
N GLY A 83 -8.96 -0.04 -12.51
CA GLY A 83 -9.57 -0.17 -11.19
C GLY A 83 -9.93 1.18 -10.61
N ILE A 84 -9.42 1.45 -9.41
CA ILE A 84 -9.72 2.71 -8.74
C ILE A 84 -9.10 3.90 -9.47
N LEU A 85 -8.11 3.66 -10.34
CA LEU A 85 -7.52 4.71 -11.15
C LEU A 85 -8.19 4.84 -12.52
N SER A 86 -9.24 4.07 -12.78
CA SER A 86 -9.97 4.21 -14.04
C SER A 86 -10.90 5.41 -13.98
N SER A 87 -11.05 6.10 -15.10
CA SER A 87 -11.95 7.23 -15.22
C SER A 87 -13.31 6.84 -15.78
N GLN A 88 -13.59 5.53 -15.92
CA GLN A 88 -14.88 5.04 -16.42
C GLN A 88 -15.75 4.61 -15.25
N PRO A 89 -16.98 5.13 -15.15
CA PRO A 89 -17.83 4.78 -13.99
C PRO A 89 -18.14 3.29 -13.89
N GLU A 90 -18.49 2.66 -15.01
CA GLU A 90 -18.44 1.20 -15.14
C GLU A 90 -17.24 0.47 -14.52
N GLU A 91 -16.00 0.95 -14.69
CA GLU A 91 -14.91 0.22 -14.03
C GLU A 91 -14.65 0.74 -12.62
N ASN A 92 -14.97 1.99 -12.33
CA ASN A 92 -14.65 2.63 -11.06
C ASN A 92 -15.89 3.37 -10.56
N PRO A 93 -16.80 2.68 -9.89
CA PRO A 93 -17.99 3.37 -9.34
C PRO A 93 -17.64 4.37 -8.24
N TYR A 94 -16.45 4.28 -7.66
CA TYR A 94 -16.09 5.09 -6.49
C TYR A 94 -15.67 6.50 -6.90
N TRP A 95 -14.45 6.68 -7.39
CA TRP A 95 -14.00 8.00 -7.81
C TRP A 95 -13.63 8.09 -9.29
N TRP A 96 -14.54 7.76 -10.19
CA TRP A 96 -14.20 7.79 -11.62
C TRP A 96 -13.87 9.20 -12.10
N ASN A 97 -14.38 10.24 -11.45
CA ASN A 97 -14.19 11.61 -11.88
C ASN A 97 -13.08 12.34 -11.12
N ALA A 98 -12.27 11.63 -10.35
CA ALA A 98 -11.25 12.28 -9.55
C ALA A 98 -10.00 12.55 -10.38
N ASN A 99 -9.16 13.45 -9.87
CA ASN A 99 -7.82 13.61 -10.42
C ASN A 99 -6.98 12.38 -10.07
N MET A 100 -6.39 11.76 -11.08
CA MET A 100 -5.72 10.48 -10.94
C MET A 100 -4.21 10.67 -10.97
N VAL A 101 -3.52 10.13 -9.96
CA VAL A 101 -2.07 10.15 -9.89
C VAL A 101 -1.57 8.76 -9.57
N PHE A 102 -0.71 8.22 -10.43
CA PHE A 102 -0.04 6.94 -10.21
C PHE A 102 1.45 7.22 -10.00
N ILE A 103 1.94 6.92 -8.80
CA ILE A 103 3.34 7.17 -8.44
C ILE A 103 4.10 5.86 -8.58
N PRO A 104 4.98 5.73 -9.57
CA PRO A 104 5.71 4.46 -9.73
C PRO A 104 6.63 4.19 -8.54
N TYR A 105 6.73 2.91 -8.19
CA TYR A 105 7.56 2.43 -7.09
C TYR A 105 8.95 2.12 -7.64
N CYS A 106 9.91 3.02 -7.41
CA CYS A 106 11.27 2.82 -7.90
C CYS A 106 12.31 3.04 -6.81
N SER A 107 11.92 2.93 -5.54
CA SER A 107 12.84 3.10 -4.43
C SER A 107 13.08 1.85 -3.61
N SER A 108 12.31 0.78 -3.82
CA SER A 108 12.56 -0.54 -3.23
C SER A 108 12.68 -0.48 -1.71
N ASP A 109 11.98 0.47 -1.08
CA ASP A 109 12.16 0.74 0.35
C ASP A 109 10.83 0.78 1.10
N VAL A 110 9.76 0.25 0.49
CA VAL A 110 8.43 0.23 1.09
C VAL A 110 8.03 1.70 1.33
N TRP A 111 8.52 2.59 0.47
CA TRP A 111 8.21 4.03 0.52
C TRP A 111 8.65 4.67 1.83
N SER A 112 9.72 4.16 2.45
CA SER A 112 10.16 4.66 3.74
C SER A 112 11.49 5.41 3.68
N GLY A 113 12.22 5.34 2.58
CA GLY A 113 13.59 5.82 2.58
C GLY A 113 13.71 7.33 2.48
N ALA A 114 14.80 7.84 3.02
CA ALA A 114 15.19 9.24 2.92
C ALA A 114 16.69 9.35 2.77
N SER A 115 17.25 8.52 1.88
CA SER A 115 18.69 8.41 1.71
C SER A 115 19.06 8.64 0.25
N SER A 116 19.98 9.57 0.01
CA SER A 116 20.45 9.86 -1.33
C SER A 116 21.57 8.92 -1.72
N LYS A 117 21.67 8.66 -3.03
CA LYS A 117 22.81 7.91 -3.56
C LYS A 117 24.06 8.76 -3.44
N SER A 118 25.16 8.15 -3.02
CA SER A 118 26.33 8.95 -2.69
C SER A 118 27.59 8.10 -2.71
N GLU A 119 28.70 8.79 -2.46
CA GLU A 119 29.98 8.22 -2.07
C GLU A 119 29.82 6.92 -1.29
N LYS A 120 28.95 6.93 -0.28
CA LYS A 120 28.88 5.79 0.63
C LYS A 120 27.67 4.91 0.34
N ASN A 121 26.83 5.29 -0.61
CA ASN A 121 25.61 4.53 -0.94
C ASN A 121 25.55 4.25 -2.42
N GLU A 122 25.51 2.96 -2.78
CA GLU A 122 25.37 2.59 -4.19
C GLU A 122 23.99 2.96 -4.73
N TYR A 123 22.95 2.83 -3.92
CA TYR A 123 21.59 3.12 -4.34
C TYR A 123 20.98 4.22 -3.49
N ALA A 124 20.05 4.96 -4.09
CA ALA A 124 19.24 5.93 -3.36
C ALA A 124 17.93 5.28 -2.94
N PHE A 125 17.55 5.51 -1.70
CA PHE A 125 16.27 5.03 -1.16
C PHE A 125 15.53 6.26 -0.67
N MET A 126 14.61 6.77 -1.50
CA MET A 126 14.01 8.08 -1.30
C MET A 126 12.49 8.00 -1.34
N GLY A 127 11.93 6.83 -1.00
CA GLY A 127 10.49 6.63 -1.14
C GLY A 127 9.67 7.67 -0.39
N ALA A 128 10.06 7.97 0.85
CA ALA A 128 9.33 8.97 1.63
C ALA A 128 9.46 10.35 1.01
N LEU A 129 10.62 10.67 0.44
CA LEU A 129 10.83 11.98 -0.17
C LEU A 129 10.18 12.07 -1.55
N ILE A 130 10.06 10.94 -2.26
CA ILE A 130 9.36 10.95 -3.54
C ILE A 130 7.90 11.37 -3.34
N ILE A 131 7.25 10.82 -2.32
CA ILE A 131 5.86 11.17 -2.05
C ILE A 131 5.74 12.66 -1.72
N GLN A 132 6.63 13.16 -0.87
CA GLN A 132 6.60 14.57 -0.50
C GLN A 132 6.83 15.47 -1.70
N GLU A 133 7.73 15.07 -2.60
CA GLU A 133 8.03 15.92 -3.76
C GLU A 133 6.89 15.88 -4.78
N VAL A 134 6.25 14.72 -4.93
CA VAL A 134 5.10 14.64 -5.83
C VAL A 134 3.98 15.54 -5.34
N VAL A 135 3.68 15.48 -4.05
CA VAL A 135 2.66 16.35 -3.47
C VAL A 135 3.03 17.83 -3.68
N ARG A 136 4.30 18.16 -3.46
CA ARG A 136 4.75 19.55 -3.61
C ARG A 136 4.53 20.05 -5.03
N GLU A 137 4.93 19.25 -6.03
CA GLU A 137 4.82 19.68 -7.41
C GLU A 137 3.39 19.61 -7.93
N LEU A 138 2.54 18.77 -7.34
CA LEU A 138 1.14 18.72 -7.75
C LEU A 138 0.36 19.94 -7.29
N LEU A 139 0.81 20.59 -6.21
CA LEU A 139 0.08 21.73 -5.67
C LEU A 139 -0.02 22.86 -6.70
N GLY A 140 1.02 23.02 -7.52
CA GLY A 140 0.97 23.98 -8.61
C GLY A 140 0.20 23.52 -9.82
N ARG A 141 -0.34 22.30 -9.81
CA ARG A 141 -1.11 21.76 -10.93
C ARG A 141 -2.56 21.50 -10.57
N GLY A 142 -3.06 22.10 -9.51
CA GLY A 142 -4.45 22.01 -9.12
C GLY A 142 -4.70 21.40 -7.75
N LEU A 143 -3.72 20.69 -7.18
CA LEU A 143 -3.90 20.12 -5.85
C LEU A 143 -4.15 21.19 -4.79
N SER A 144 -3.71 22.43 -5.04
CA SER A 144 -3.97 23.51 -4.10
C SER A 144 -5.46 23.73 -3.90
N GLY A 145 -6.27 23.46 -4.92
CA GLY A 145 -7.71 23.58 -4.81
C GLY A 145 -8.41 22.31 -4.38
N ALA A 146 -7.67 21.30 -3.93
CA ALA A 146 -8.28 20.03 -3.56
C ALA A 146 -9.08 20.16 -2.28
N LYS A 147 -10.07 19.28 -2.13
CA LYS A 147 -10.79 19.17 -0.87
C LYS A 147 -10.56 17.85 -0.18
N VAL A 148 -10.23 16.79 -0.93
CA VAL A 148 -9.82 15.51 -0.36
C VAL A 148 -8.61 15.00 -1.14
N LEU A 149 -7.56 14.61 -0.43
CA LEU A 149 -6.43 13.90 -1.02
C LEU A 149 -6.45 12.49 -0.43
N LEU A 150 -6.74 11.51 -1.27
CA LEU A 150 -6.74 10.11 -0.85
C LEU A 150 -5.41 9.50 -1.26
N LEU A 151 -4.57 9.19 -0.29
CA LEU A 151 -3.30 8.51 -0.53
C LEU A 151 -3.57 7.01 -0.49
N ALA A 152 -3.55 6.38 -1.64
CA ALA A 152 -3.82 4.95 -1.77
C ALA A 152 -2.56 4.22 -2.21
N GLY A 153 -2.62 2.89 -2.12
CA GLY A 153 -1.49 2.07 -2.47
C GLY A 153 -1.75 0.59 -2.30
N SER A 154 -1.05 -0.25 -3.06
CA SER A 154 -1.25 -1.69 -3.02
C SER A 154 0.06 -2.38 -2.66
N SER A 155 -0.03 -3.42 -1.83
CA SER A 155 1.10 -4.26 -1.42
C SER A 155 2.12 -3.38 -0.70
N ALA A 156 3.36 -3.28 -1.17
CA ALA A 156 4.32 -2.38 -0.53
C ALA A 156 3.82 -0.94 -0.56
N GLY A 157 3.04 -0.58 -1.58
CA GLY A 157 2.42 0.73 -1.59
C GLY A 157 1.35 0.89 -0.52
N GLY A 158 0.67 -0.21 -0.18
CA GLY A 158 -0.28 -0.15 0.93
C GLY A 158 0.38 0.11 2.26
N THR A 159 1.50 -0.57 2.52
CA THR A 159 2.29 -0.27 3.71
C THR A 159 2.84 1.15 3.63
N GLY A 160 3.20 1.61 2.42
CA GLY A 160 3.64 2.98 2.26
C GLY A 160 2.59 4.00 2.62
N VAL A 161 1.32 3.68 2.40
CA VAL A 161 0.24 4.56 2.84
C VAL A 161 0.27 4.72 4.35
N LEU A 162 0.37 3.61 5.07
CA LEU A 162 0.40 3.67 6.53
C LEU A 162 1.60 4.45 7.03
N LEU A 163 2.73 4.38 6.33
CA LEU A 163 3.94 5.06 6.78
C LEU A 163 3.93 6.55 6.46
N ASN A 164 3.18 6.97 5.45
CA ASN A 164 3.32 8.32 4.91
C ASN A 164 2.07 9.18 4.96
N VAL A 165 0.90 8.62 5.27
CA VAL A 165 -0.34 9.39 5.16
C VAL A 165 -0.33 10.58 6.12
N ASP A 166 0.19 10.39 7.33
CA ASP A 166 0.24 11.50 8.28
C ASP A 166 1.30 12.52 7.92
N ARG A 167 2.39 12.10 7.27
CA ARG A 167 3.40 13.06 6.84
C ARG A 167 2.88 13.94 5.71
N VAL A 168 2.07 13.37 4.82
CA VAL A 168 1.44 14.17 3.77
C VAL A 168 0.50 15.20 4.40
N ALA A 169 -0.27 14.78 5.42
CA ALA A 169 -1.15 15.71 6.11
C ALA A 169 -0.36 16.82 6.79
N GLU A 170 0.73 16.46 7.48
CA GLU A 170 1.56 17.48 8.11
C GLU A 170 2.25 18.36 7.09
N GLN A 171 2.61 17.80 5.93
CA GLN A 171 3.24 18.60 4.88
C GLN A 171 2.30 19.67 4.36
N LEU A 172 1.05 19.30 4.08
CA LEU A 172 0.08 20.26 3.57
C LEU A 172 -0.28 21.28 4.64
N GLU A 173 -0.35 20.86 5.91
CA GLU A 173 -0.64 21.78 6.99
C GLU A 173 0.45 22.83 7.11
N LYS A 174 1.71 22.41 7.07
CA LYS A 174 2.82 23.35 7.19
C LYS A 174 3.00 24.20 5.95
N LEU A 175 2.56 23.72 4.79
CA LEU A 175 2.60 24.52 3.57
C LEU A 175 1.42 25.49 3.47
N GLY A 176 0.51 25.47 4.44
CA GLY A 176 -0.59 26.42 4.46
C GLY A 176 -1.88 25.94 3.82
N TYR A 177 -2.10 24.63 3.74
CA TYR A 177 -3.31 24.06 3.14
C TYR A 177 -4.04 23.21 4.17
N PRO A 178 -4.61 23.84 5.21
CA PRO A 178 -5.28 23.04 6.25
C PRO A 178 -6.62 22.49 5.81
N ALA A 179 -7.21 23.02 4.74
CA ALA A 179 -8.53 22.58 4.31
C ALA A 179 -8.51 21.25 3.56
N ILE A 180 -7.37 20.87 2.99
CA ILE A 180 -7.28 19.61 2.26
C ILE A 180 -7.34 18.45 3.25
N GLN A 181 -8.37 17.63 3.14
CA GLN A 181 -8.52 16.45 4.00
C GLN A 181 -7.68 15.31 3.42
N VAL A 182 -6.64 14.93 4.15
CA VAL A 182 -5.78 13.83 3.75
C VAL A 182 -6.32 12.54 4.35
N ARG A 183 -6.50 11.52 3.51
CA ARG A 183 -7.00 10.22 3.94
C ARG A 183 -6.13 9.13 3.30
N GLY A 184 -6.22 7.94 3.86
CA GLY A 184 -5.40 6.81 3.43
C GLY A 184 -6.24 5.61 3.05
N LEU A 185 -5.79 4.90 2.01
CA LEU A 185 -6.40 3.64 1.58
C LEU A 185 -5.29 2.63 1.39
N ALA A 186 -5.12 1.73 2.37
CA ALA A 186 -4.03 0.76 2.38
C ALA A 186 -4.57 -0.57 1.89
N ASP A 187 -4.14 -0.97 0.69
CA ASP A 187 -4.56 -2.23 0.07
C ASP A 187 -3.42 -3.23 0.16
N SER A 188 -3.67 -4.36 0.82
CA SER A 188 -2.75 -5.49 0.84
C SER A 188 -1.39 -5.13 1.44
N GLY A 189 -1.37 -4.20 2.39
CA GLY A 189 -0.14 -3.82 3.06
C GLY A 189 -0.22 -3.99 4.56
N TRP A 190 -1.15 -4.83 5.01
CA TRP A 190 -1.45 -5.05 6.43
C TRP A 190 -0.93 -6.45 6.78
N PHE A 191 0.32 -6.52 7.21
CA PHE A 191 1.01 -7.78 7.40
C PHE A 191 1.21 -8.09 8.88
N LEU A 192 1.44 -9.37 9.16
CA LEU A 192 1.63 -9.88 10.50
C LEU A 192 3.07 -10.32 10.68
N ASP A 193 3.68 -9.95 11.80
CA ASP A 193 5.01 -10.44 12.15
C ASP A 193 4.89 -11.77 12.91
N ASN A 194 4.23 -12.72 12.25
CA ASN A 194 3.98 -14.03 12.80
C ASN A 194 5.18 -14.95 12.53
N LYS A 195 5.07 -16.21 12.97
CA LYS A 195 6.09 -17.19 12.70
C LYS A 195 5.85 -17.86 11.36
N GLN A 196 6.95 -18.23 10.71
CA GLN A 196 6.85 -18.95 9.46
C GLN A 196 6.31 -20.35 9.70
N TYR A 197 5.58 -20.87 8.71
CA TYR A 197 5.11 -22.25 8.78
C TYR A 197 6.28 -23.22 8.79
N ARG A 198 7.32 -22.93 8.01
CA ARG A 198 8.61 -23.58 8.10
C ARG A 198 9.70 -22.51 8.11
N HIS A 199 10.66 -22.67 9.02
CA HIS A 199 11.63 -21.62 9.26
C HIS A 199 12.72 -21.62 8.20
N THR A 200 13.00 -20.42 7.66
CA THR A 200 14.16 -20.19 6.81
C THR A 200 15.05 -19.15 7.49
N ASP A 201 16.34 -19.21 7.17
CA ASP A 201 17.22 -18.10 7.50
C ASP A 201 17.09 -17.04 6.42
N CYS A 202 17.09 -15.77 6.84
CA CYS A 202 16.88 -14.67 5.91
C CYS A 202 18.03 -14.58 4.92
N VAL A 203 17.91 -15.26 3.79
CA VAL A 203 18.95 -15.27 2.78
C VAL A 203 18.57 -14.52 1.51
N ASP A 204 17.28 -14.33 1.24
CA ASP A 204 16.82 -13.57 0.08
C ASP A 204 15.55 -12.82 0.48
N THR A 205 14.86 -12.27 -0.52
CA THR A 205 13.78 -11.32 -0.24
C THR A 205 12.47 -12.02 0.12
N ILE A 206 11.93 -12.82 -0.80
CA ILE A 206 10.52 -13.19 -0.71
C ILE A 206 10.26 -14.16 0.45
N THR A 207 11.25 -14.98 0.81
CA THR A 207 11.05 -15.97 1.87
C THR A 207 11.70 -15.58 3.18
N CYS A 208 12.29 -14.39 3.26
CA CYS A 208 12.79 -13.90 4.53
C CYS A 208 11.62 -13.59 5.46
N ALA A 209 11.77 -13.95 6.73
CA ALA A 209 10.72 -13.69 7.71
C ALA A 209 10.41 -12.20 7.77
N PRO A 210 9.15 -11.83 8.02
CA PRO A 210 8.78 -10.40 8.00
C PRO A 210 9.62 -9.52 8.90
N THR A 211 9.87 -9.93 10.15
CA THR A 211 10.61 -9.08 11.07
C THR A 211 12.04 -8.86 10.61
N GLU A 212 12.72 -9.93 10.18
CA GLU A 212 14.12 -9.81 9.81
C GLU A 212 14.30 -9.01 8.53
N ALA A 213 13.37 -9.13 7.58
CA ALA A 213 13.47 -8.35 6.35
C ALA A 213 13.38 -6.85 6.63
N ILE A 214 12.44 -6.45 7.48
CA ILE A 214 12.25 -5.03 7.76
C ILE A 214 13.36 -4.49 8.66
N ARG A 215 13.80 -5.30 9.63
CA ARG A 215 14.89 -4.87 10.51
C ARG A 215 16.15 -4.57 9.70
N ARG A 216 16.43 -5.37 8.68
CA ARG A 216 17.56 -5.09 7.80
C ARG A 216 17.27 -3.94 6.85
N GLY A 217 16.04 -3.88 6.33
CA GLY A 217 15.72 -2.86 5.34
C GLY A 217 15.78 -1.45 5.90
N ILE A 218 15.18 -1.24 7.07
CA ILE A 218 15.09 0.11 7.62
C ILE A 218 16.48 0.68 7.91
N ARG A 219 17.44 -0.17 8.27
CA ARG A 219 18.80 0.31 8.46
C ARG A 219 19.49 0.58 7.13
N TYR A 220 19.22 -0.27 6.13
CA TYR A 220 19.86 -0.14 4.83
C TYR A 220 19.30 1.05 4.05
N TRP A 221 18.02 1.37 4.22
CA TRP A 221 17.39 2.46 3.50
C TRP A 221 17.45 3.80 4.24
N ASN A 222 17.88 3.79 5.51
CA ASN A 222 17.62 4.90 6.42
C ASN A 222 16.13 5.23 6.42
N GLY A 223 15.32 4.19 6.67
CA GLY A 223 13.88 4.35 6.57
C GLY A 223 13.32 5.17 7.71
N VAL A 224 12.26 5.92 7.40
CA VAL A 224 11.58 6.76 8.37
C VAL A 224 10.17 6.23 8.59
N VAL A 225 9.70 6.37 9.82
CA VAL A 225 8.38 5.87 10.21
C VAL A 225 7.60 7.04 10.82
N PRO A 226 6.27 6.91 10.94
CA PRO A 226 5.49 8.00 11.55
C PRO A 226 5.98 8.34 12.94
N GLU A 227 5.88 9.63 13.28
CA GLU A 227 6.53 10.16 14.48
C GLU A 227 5.98 9.51 15.75
N ARG A 228 4.66 9.45 15.90
CA ARG A 228 4.08 8.90 17.12
C ARG A 228 4.43 7.43 17.27
N CYS A 229 4.42 6.67 16.18
CA CYS A 229 4.84 5.29 16.24
C CYS A 229 6.30 5.18 16.62
N ARG A 230 7.14 6.06 16.08
CA ARG A 230 8.56 6.06 16.45
C ARG A 230 8.74 6.38 17.93
N ARG A 231 7.90 7.26 18.47
CA ARG A 231 8.01 7.61 19.88
C ARG A 231 7.64 6.45 20.80
N GLN A 232 6.77 5.55 20.33
CA GLN A 232 6.40 4.40 21.14
C GLN A 232 7.48 3.34 21.16
N PHE A 233 7.93 2.91 19.98
CA PHE A 233 8.89 1.82 19.88
C PHE A 233 10.33 2.28 20.00
N GLN A 234 10.60 3.56 19.72
CA GLN A 234 11.86 4.22 20.02
C GLN A 234 13.03 3.68 19.21
N GLU A 235 14.23 4.15 19.54
CA GLU A 235 15.39 3.94 18.69
C GLU A 235 15.77 2.46 18.62
N GLY A 236 15.97 1.97 17.40
CA GLY A 236 16.33 0.59 17.18
C GLY A 236 15.17 -0.35 16.95
N GLU A 237 13.95 0.06 17.31
CA GLU A 237 12.78 -0.80 17.18
C GLU A 237 11.76 -0.25 16.20
N GLU A 238 12.17 0.67 15.32
CA GLU A 238 11.24 1.32 14.40
C GLU A 238 10.70 0.36 13.34
N TRP A 239 11.30 -0.82 13.18
CA TRP A 239 10.76 -1.81 12.26
C TRP A 239 9.33 -2.17 12.59
N ASN A 240 8.95 -2.07 13.87
CA ASN A 240 7.60 -2.38 14.30
C ASN A 240 6.56 -1.55 13.57
N CYS A 241 6.93 -0.33 13.16
CA CYS A 241 5.98 0.59 12.55
C CYS A 241 5.66 0.25 11.10
N PHE A 242 6.33 -0.75 10.52
CA PHE A 242 5.98 -1.25 9.20
C PHE A 242 4.80 -2.21 9.23
N PHE A 243 4.30 -2.56 10.41
CA PHE A 243 3.27 -3.57 10.56
C PHE A 243 1.97 -2.88 10.95
N GLY A 244 0.93 -3.08 10.12
CA GLY A 244 -0.25 -2.25 10.20
C GLY A 244 -0.89 -2.19 11.58
N TYR A 245 -1.06 -3.36 12.21
CA TYR A 245 -1.75 -3.38 13.49
C TYR A 245 -0.98 -2.66 14.60
N LYS A 246 0.30 -2.37 14.39
CA LYS A 246 1.06 -1.58 15.37
C LYS A 246 1.08 -0.09 15.02
N VAL A 247 1.14 0.25 13.74
CA VAL A 247 1.27 1.64 13.35
C VAL A 247 -0.09 2.33 13.18
N TYR A 248 -1.13 1.58 12.79
CA TYR A 248 -2.46 2.16 12.61
C TYR A 248 -2.98 2.90 13.83
N PRO A 249 -2.92 2.37 15.06
CA PRO A 249 -3.45 3.13 16.20
C PRO A 249 -2.71 4.41 16.50
N THR A 250 -1.54 4.64 15.92
CA THR A 250 -0.81 5.89 16.13
C THR A 250 -1.14 6.94 15.08
N LEU A 251 -1.87 6.59 14.03
CA LEU A 251 -2.17 7.49 12.93
C LEU A 251 -3.39 8.34 13.24
N ARG A 252 -3.43 9.53 12.66
CA ARG A 252 -4.54 10.47 12.87
C ARG A 252 -5.39 10.68 11.63
N SER A 253 -4.81 10.54 10.44
CA SER A 253 -5.60 10.62 9.23
C SER A 253 -6.51 9.40 9.12
N PRO A 254 -7.74 9.56 8.63
CA PRO A 254 -8.60 8.40 8.42
C PRO A 254 -7.99 7.45 7.40
N VAL A 255 -7.93 6.17 7.73
CA VAL A 255 -7.30 5.15 6.89
C VAL A 255 -8.27 4.00 6.71
N PHE A 256 -8.60 3.70 5.45
CA PHE A 256 -9.39 2.53 5.11
C PHE A 256 -8.43 1.38 4.79
N VAL A 257 -8.63 0.23 5.44
CA VAL A 257 -7.71 -0.89 5.35
C VAL A 257 -8.35 -2.00 4.51
N VAL A 258 -7.67 -2.38 3.44
CA VAL A 258 -8.13 -3.46 2.57
C VAL A 258 -7.10 -4.57 2.64
N GLN A 259 -7.54 -5.77 2.98
CA GLN A 259 -6.60 -6.88 3.20
C GLN A 259 -7.30 -8.21 3.02
N TRP A 260 -6.86 -9.02 2.06
CA TRP A 260 -7.28 -10.41 2.01
C TRP A 260 -6.91 -11.11 3.31
N LEU A 261 -7.83 -11.93 3.83
CA LEU A 261 -7.55 -12.66 5.07
C LEU A 261 -6.42 -13.66 4.88
N PHE A 262 -6.28 -14.21 3.68
CA PHE A 262 -5.21 -15.17 3.40
C PHE A 262 -4.33 -14.62 2.29
N ASP A 263 -3.65 -13.51 2.58
CA ASP A 263 -2.89 -12.79 1.57
C ASP A 263 -1.73 -13.65 1.07
N GLU A 264 -1.56 -13.70 -0.26
CA GLU A 264 -0.55 -14.57 -0.85
C GLU A 264 0.86 -14.13 -0.49
N ALA A 265 1.10 -12.83 -0.42
CA ALA A 265 2.43 -12.34 -0.05
C ALA A 265 2.74 -12.65 1.41
N GLN A 266 1.73 -12.56 2.28
CA GLN A 266 1.90 -12.97 3.67
C GLN A 266 2.28 -14.45 3.76
N LEU A 267 1.57 -15.30 3.00
CA LEU A 267 1.90 -16.72 3.02
C LEU A 267 3.25 -16.99 2.41
N THR A 268 3.69 -16.17 1.46
CA THR A 268 5.00 -16.36 0.86
C THR A 268 6.12 -16.13 1.87
N VAL A 269 6.08 -14.99 2.57
CA VAL A 269 7.09 -14.73 3.59
C VAL A 269 6.95 -15.68 4.77
N ASP A 270 5.79 -16.31 4.92
CA ASP A 270 5.60 -17.37 5.90
C ASP A 270 6.07 -18.73 5.41
N ASN A 271 6.69 -18.76 4.22
CA ASN A 271 7.21 -20.00 3.63
C ASN A 271 6.11 -21.03 3.43
N VAL A 272 4.91 -20.58 3.12
CA VAL A 272 3.80 -21.44 2.72
C VAL A 272 3.69 -21.39 1.21
N HIS A 273 3.73 -22.56 0.57
CA HIS A 273 3.62 -22.66 -0.88
C HIS A 273 2.47 -23.63 -1.16
N LEU A 274 1.28 -23.08 -1.42
CA LEU A 274 0.12 -23.90 -1.70
C LEU A 274 0.27 -24.53 -3.09
N THR A 275 0.28 -25.86 -3.12
CA THR A 275 0.71 -26.63 -4.27
C THR A 275 -0.44 -27.22 -5.06
N GLY A 276 -1.67 -27.05 -4.61
CA GLY A 276 -2.77 -27.78 -5.18
C GLY A 276 -2.86 -29.15 -4.54
N GLN A 277 -1.73 -29.63 -4.00
CA GLN A 277 -1.73 -30.91 -3.29
C GLN A 277 -2.65 -30.85 -2.07
N PRO A 278 -3.04 -32.00 -1.56
CA PRO A 278 -3.82 -32.03 -0.31
C PRO A 278 -3.14 -31.26 0.82
N VAL A 279 -3.95 -30.54 1.59
CA VAL A 279 -3.47 -29.77 2.73
C VAL A 279 -3.61 -30.63 3.98
N GLN A 280 -2.47 -30.89 4.64
CA GLN A 280 -2.48 -31.70 5.85
C GLN A 280 -3.03 -30.89 7.03
N GLU A 281 -3.16 -31.57 8.17
CA GLU A 281 -3.74 -30.93 9.35
C GLU A 281 -2.90 -29.74 9.80
N GLY A 282 -1.58 -29.91 9.84
CA GLY A 282 -0.72 -28.84 10.33
C GLY A 282 -0.85 -27.56 9.51
N LEU A 283 -0.83 -27.70 8.18
CA LEU A 283 -0.95 -26.52 7.33
C LEU A 283 -2.38 -25.98 7.35
N ARG A 284 -3.38 -26.85 7.50
CA ARG A 284 -4.76 -26.37 7.61
C ARG A 284 -4.92 -25.49 8.84
N LEU A 285 -4.40 -25.95 9.98
CA LEU A 285 -4.48 -25.14 11.20
C LEU A 285 -3.71 -23.84 11.05
N TYR A 286 -2.56 -23.88 10.38
CA TYR A 286 -1.77 -22.67 10.18
C TYR A 286 -2.54 -21.65 9.36
N ILE A 287 -3.13 -22.09 8.25
CA ILE A 287 -3.87 -21.17 7.38
C ILE A 287 -5.10 -20.62 8.09
N GLN A 288 -5.82 -21.48 8.81
CA GLN A 288 -7.00 -21.03 9.55
C GLN A 288 -6.61 -20.06 10.65
N ASN A 289 -5.49 -20.32 11.33
N ASN A 289 -5.49 -20.32 11.33
CA ASN A 289 -5.05 -19.42 12.38
CA ASN A 289 -5.05 -19.42 12.38
C ASN A 289 -4.60 -18.08 11.80
C ASN A 289 -4.59 -18.08 11.81
N LEU A 290 -3.98 -18.08 10.62
CA LEU A 290 -3.58 -16.82 9.99
C LEU A 290 -4.81 -15.96 9.68
N GLY A 291 -5.81 -16.58 9.07
CA GLY A 291 -7.08 -15.89 8.88
C GLY A 291 -7.66 -15.33 10.18
N ARG A 292 -7.47 -16.01 11.32
CA ARG A 292 -8.07 -15.45 12.51
C ARG A 292 -7.34 -14.19 12.96
N GLU A 293 -6.07 -14.06 12.58
CA GLU A 293 -5.21 -13.04 13.17
C GLU A 293 -5.41 -11.68 12.50
N LEU A 294 -5.29 -11.58 11.17
CA LEU A 294 -6.10 -10.56 10.49
C LEU A 294 -7.47 -10.23 11.06
N ARG A 295 -8.39 -11.20 11.12
N ARG A 295 -8.39 -11.20 11.14
CA ARG A 295 -9.74 -10.85 11.59
CA ARG A 295 -9.73 -10.85 11.58
C ARG A 295 -9.67 -10.20 12.96
C ARG A 295 -9.70 -10.21 12.96
N HIS A 296 -8.81 -10.70 13.84
CA HIS A 296 -8.66 -10.09 15.16
C HIS A 296 -8.01 -8.71 15.06
N THR A 297 -6.96 -8.57 14.25
CA THR A 297 -6.27 -7.28 14.16
C THR A 297 -7.14 -6.19 13.53
N LEU A 298 -8.21 -6.57 12.83
CA LEU A 298 -9.10 -5.61 12.19
C LEU A 298 -10.37 -5.36 12.99
N LYS A 299 -10.51 -5.97 14.17
CA LYS A 299 -11.76 -5.85 14.92
C LYS A 299 -12.08 -4.40 15.24
N ASP A 300 -11.07 -3.60 15.61
CA ASP A 300 -11.26 -2.21 15.96
C ASP A 300 -10.80 -1.26 14.87
N VAL A 301 -10.81 -1.72 13.61
CA VAL A 301 -10.54 -0.87 12.46
C VAL A 301 -11.89 -0.55 11.81
N PRO A 302 -12.46 0.63 12.04
CA PRO A 302 -13.84 0.87 11.61
C PRO A 302 -14.04 0.87 10.10
N ALA A 303 -13.04 1.27 9.33
CA ALA A 303 -13.14 1.28 7.87
C ALA A 303 -12.20 0.20 7.36
N SER A 304 -12.76 -0.96 7.02
N SER A 304 -12.76 -0.96 7.00
CA SER A 304 -11.95 -2.08 6.56
CA SER A 304 -11.95 -2.10 6.59
C SER A 304 -12.76 -2.97 5.64
C SER A 304 -12.76 -3.01 5.67
N PHE A 305 -12.06 -3.65 4.75
CA PHE A 305 -12.65 -4.58 3.78
C PHE A 305 -11.72 -5.78 3.69
N ALA A 306 -12.14 -6.91 4.27
CA ALA A 306 -11.26 -8.07 4.42
C ALA A 306 -11.97 -9.35 4.01
N PRO A 307 -11.94 -9.70 2.73
CA PRO A 307 -12.57 -10.94 2.27
C PRO A 307 -11.70 -12.16 2.55
N ALA A 308 -12.38 -13.29 2.75
CA ALA A 308 -11.70 -14.56 3.04
C ALA A 308 -11.29 -15.24 1.73
N CYS A 309 -10.24 -14.68 1.12
CA CYS A 309 -9.73 -15.18 -0.14
C CYS A 309 -8.22 -15.33 -0.09
N LEU A 310 -7.71 -16.24 -0.91
CA LEU A 310 -6.29 -16.40 -1.16
C LEU A 310 -5.94 -15.58 -2.39
N SER A 311 -5.42 -14.37 -2.19
CA SER A 311 -5.13 -13.48 -3.30
C SER A 311 -4.15 -12.41 -2.82
N HIS A 312 -3.90 -11.41 -3.67
CA HIS A 312 -2.97 -10.34 -3.35
C HIS A 312 -3.32 -9.13 -4.20
N GLU A 313 -3.53 -7.97 -3.54
CA GLU A 313 -3.85 -6.69 -4.17
C GLU A 313 -5.27 -6.67 -4.74
N ILE A 314 -5.91 -5.51 -4.74
CA ILE A 314 -7.28 -5.39 -5.27
C ILE A 314 -7.51 -4.12 -6.08
N ILE A 315 -7.14 -2.96 -5.54
CA ILE A 315 -7.83 -1.72 -5.92
C ILE A 315 -7.50 -1.23 -7.33
N ILE A 316 -6.40 -1.67 -7.96
CA ILE A 316 -6.15 -1.27 -9.34
C ILE A 316 -6.40 -2.41 -10.32
N ARG A 317 -6.98 -3.51 -9.86
CA ARG A 317 -7.42 -4.55 -10.77
C ARG A 317 -8.72 -4.12 -11.45
N SER A 318 -8.82 -4.41 -12.75
N SER A 318 -8.82 -4.41 -12.75
CA SER A 318 -9.96 -3.94 -13.53
CA SER A 318 -9.97 -3.93 -13.52
C SER A 318 -11.27 -4.52 -13.02
C SER A 318 -11.27 -4.52 -13.02
N HIS A 319 -11.23 -5.72 -12.42
CA HIS A 319 -12.41 -6.38 -11.89
C HIS A 319 -12.50 -6.26 -10.37
N TRP A 320 -11.95 -5.19 -9.79
CA TRP A 320 -12.01 -4.99 -8.35
C TRP A 320 -13.44 -4.78 -7.85
N THR A 321 -14.39 -4.52 -8.74
CA THR A 321 -15.78 -4.34 -8.37
C THR A 321 -16.49 -5.65 -8.03
N ASP A 322 -15.90 -6.79 -8.37
CA ASP A 322 -16.61 -8.06 -8.28
C ASP A 322 -16.69 -8.61 -6.86
N VAL A 323 -15.66 -8.38 -6.05
CA VAL A 323 -15.61 -8.99 -4.73
C VAL A 323 -16.59 -8.30 -3.79
N GLN A 324 -17.24 -9.08 -2.94
CA GLN A 324 -18.21 -8.56 -1.97
C GLN A 324 -17.98 -9.24 -0.63
N VAL A 325 -18.23 -8.49 0.44
CA VAL A 325 -18.25 -9.00 1.81
C VAL A 325 -19.61 -8.66 2.40
N LYS A 326 -20.33 -9.68 2.86
CA LYS A 326 -21.70 -9.49 3.35
C LYS A 326 -22.57 -8.79 2.32
N GLY A 327 -22.33 -9.04 1.04
CA GLY A 327 -23.12 -8.46 -0.02
C GLY A 327 -22.76 -7.05 -0.42
N THR A 328 -21.67 -6.49 0.11
CA THR A 328 -21.26 -5.13 -0.20
C THR A 328 -19.91 -5.15 -0.90
N SER A 329 -19.82 -4.48 -2.05
CA SER A 329 -18.58 -4.42 -2.80
C SER A 329 -17.64 -3.40 -2.17
N LEU A 330 -16.37 -3.42 -2.62
CA LEU A 330 -15.39 -2.49 -2.10
C LEU A 330 -15.66 -1.07 -2.59
N PRO A 331 -15.99 -0.84 -3.87
CA PRO A 331 -16.37 0.52 -4.28
C PRO A 331 -17.54 1.07 -3.49
N ARG A 332 -18.52 0.23 -3.13
CA ARG A 332 -19.61 0.70 -2.29
C ARG A 332 -19.10 1.03 -0.89
N ALA A 333 -18.29 0.15 -0.31
CA ALA A 333 -17.76 0.39 1.04
C ALA A 333 -16.98 1.69 1.09
N LEU A 334 -16.19 1.98 0.05
CA LEU A 334 -15.43 3.22 0.01
C LEU A 334 -16.35 4.42 -0.10
N HIS A 335 -17.43 4.30 -0.89
CA HIS A 335 -18.42 5.37 -0.96
C HIS A 335 -19.09 5.61 0.39
N CYS A 336 -19.42 4.52 1.09
CA CYS A 336 -19.96 4.65 2.44
C CYS A 336 -18.97 5.33 3.36
N TRP A 337 -17.68 4.99 3.22
CA TRP A 337 -16.63 5.67 3.97
C TRP A 337 -16.64 7.17 3.69
N ASP A 338 -16.81 7.55 2.42
CA ASP A 338 -16.91 8.96 2.07
C ASP A 338 -18.07 9.63 2.79
N ARG A 339 -19.25 8.99 2.80
CA ARG A 339 -20.41 9.55 3.47
C ARG A 339 -20.18 9.64 4.98
N SER A 340 -19.52 8.64 5.56
CA SER A 340 -19.26 8.64 7.00
C SER A 340 -18.37 9.81 7.41
N LEU A 341 -17.54 10.31 6.49
CA LEU A 341 -16.65 11.42 6.78
C LEU A 341 -17.24 12.78 6.38
N HIS A 342 -18.54 12.85 6.15
CA HIS A 342 -19.20 14.12 5.91
C HIS A 342 -19.29 14.92 7.21
N THR A 350 -22.26 8.20 13.86
CA THR A 350 -23.46 7.40 13.66
C THR A 350 -23.41 6.66 12.33
N PRO A 351 -23.77 5.38 12.35
CA PRO A 351 -23.64 4.55 11.14
C PRO A 351 -24.75 4.85 10.15
N LEU A 352 -24.50 4.47 8.90
CA LEU A 352 -25.40 4.73 7.79
C LEU A 352 -26.26 3.51 7.52
N LYS A 353 -27.53 3.75 7.21
CA LYS A 353 -28.49 2.68 6.96
C LYS A 353 -28.10 1.93 5.68
N GLY A 354 -27.71 0.66 5.84
CA GLY A 354 -27.43 -0.18 4.68
C GLY A 354 -26.26 0.27 3.83
N CYS A 355 -25.31 0.98 4.42
CA CYS A 355 -24.14 1.47 3.70
C CYS A 355 -22.95 1.32 4.63
N PRO A 356 -22.45 0.10 4.78
CA PRO A 356 -21.44 -0.19 5.81
C PRO A 356 -20.02 0.14 5.37
N VAL A 357 -19.15 0.26 6.37
CA VAL A 357 -17.75 0.54 6.14
C VAL A 357 -16.82 -0.49 6.76
N HIS A 358 -17.28 -1.27 7.74
CA HIS A 358 -16.47 -2.32 8.36
C HIS A 358 -16.99 -3.65 7.85
N LEU A 359 -16.21 -4.29 6.97
CA LEU A 359 -16.65 -5.49 6.24
C LEU A 359 -15.53 -6.53 6.31
N VAL A 360 -15.59 -7.39 7.33
CA VAL A 360 -14.57 -8.40 7.57
C VAL A 360 -15.24 -9.77 7.56
N ASP A 361 -14.81 -10.63 6.65
CA ASP A 361 -15.36 -11.98 6.58
C ASP A 361 -15.06 -12.73 7.87
N SER A 362 -15.99 -13.60 8.25
CA SER A 362 -15.83 -14.44 9.43
C SER A 362 -15.61 -15.92 9.10
N CYS A 363 -15.73 -16.30 7.81
CA CYS A 363 -15.59 -17.71 7.49
C CYS A 363 -14.12 -18.10 7.32
N PRO A 364 -13.76 -19.32 7.73
CA PRO A 364 -12.37 -19.63 8.09
C PRO A 364 -11.46 -20.16 6.99
N TRP A 365 -11.88 -20.28 5.74
CA TRP A 365 -11.02 -20.94 4.77
C TRP A 365 -10.98 -20.20 3.45
N PRO A 366 -9.82 -20.19 2.77
CA PRO A 366 -9.75 -19.57 1.44
C PRO A 366 -10.81 -20.04 0.47
N HIS A 367 -11.75 -19.12 0.23
CA HIS A 367 -12.58 -18.94 -0.94
C HIS A 367 -13.97 -19.29 -0.45
N CYS A 368 -14.13 -19.36 0.88
CA CYS A 368 -15.45 -19.56 1.47
C CYS A 368 -16.39 -18.43 1.15
N ASN A 369 -15.85 -17.29 0.74
CA ASN A 369 -16.64 -16.22 0.15
C ASN A 369 -16.76 -16.50 -1.35
N PRO A 370 -17.98 -16.68 -1.88
CA PRO A 370 -18.11 -17.08 -3.29
C PRO A 370 -17.63 -16.03 -4.28
N SER A 371 -17.46 -14.78 -3.86
CA SER A 371 -17.07 -13.70 -4.75
C SER A 371 -15.55 -13.53 -4.84
N CYS A 372 -14.78 -14.46 -4.27
CA CYS A 372 -13.33 -14.36 -4.32
C CYS A 372 -12.84 -14.37 -5.78
N PRO A 373 -11.71 -13.73 -6.05
CA PRO A 373 -11.16 -13.78 -7.41
C PRO A 373 -10.85 -15.22 -7.81
N THR A 374 -11.21 -15.56 -9.05
CA THR A 374 -11.06 -16.92 -9.53
C THR A 374 -9.62 -17.27 -9.90
N GLY A 375 -8.79 -16.27 -10.20
CA GLY A 375 -7.47 -16.51 -10.73
C GLY A 375 -7.44 -16.78 -12.23
N THR A 376 -8.57 -16.68 -12.90
CA THR A 376 -8.64 -16.91 -14.34
C THR A 376 -7.91 -15.80 -15.10
C1 NAG B . 14.71 19.01 -3.54
C2 NAG B . 14.67 20.41 -2.92
C3 NAG B . 15.58 20.48 -1.70
C4 NAG B . 15.25 19.36 -0.72
C5 NAG B . 15.32 18.01 -1.43
C6 NAG B . 14.92 16.86 -0.54
C7 NAG B . 14.23 22.41 -4.27
C8 NAG B . 14.78 23.36 -5.29
N2 NAG B . 15.04 21.42 -3.89
O3 NAG B . 15.41 21.74 -1.07
O4 NAG B . 16.18 19.37 0.36
O5 NAG B . 14.41 18.02 -2.53
O6 NAG B . 13.53 16.87 -0.24
O7 NAG B . 13.11 22.54 -3.81
S SO4 C . -26.24 5.16 -1.13
O1 SO4 C . -26.88 4.17 -0.29
O2 SO4 C . -27.26 5.97 -1.80
O3 SO4 C . -25.39 4.50 -2.12
O4 SO4 C . -25.41 6.04 -0.30
S SO4 D . 26.09 -0.45 -0.88
O1 SO4 D . 26.30 0.98 -0.67
O2 SO4 D . 24.85 -0.68 -1.59
O3 SO4 D . 27.20 -0.99 -1.66
O4 SO4 D . 26.04 -1.13 0.42
S SO4 E . 2.85 19.76 -18.98
O1 SO4 E . 1.60 19.17 -18.51
O2 SO4 E . 2.56 20.78 -19.98
O3 SO4 E . 3.69 18.73 -19.56
O4 SO4 E . 3.53 20.38 -17.84
S DMS F . -17.12 10.10 -8.42
O DMS F . -15.82 10.65 -8.90
C1 DMS F . -17.37 10.57 -6.68
C2 DMS F . -18.48 11.02 -9.19
C1 EDO G . -1.53 2.49 -13.65
O1 EDO G . -1.29 1.87 -14.92
C2 EDO G . -3.02 2.41 -13.32
O2 EDO G . -3.42 1.06 -13.17
C1 EDO H . -6.38 -1.54 15.61
O1 EDO H . -5.91 -0.45 16.42
C2 EDO H . -5.19 -2.25 14.99
O2 EDO H . -4.40 -2.86 16.01
C1 EDO I . -16.53 15.93 -7.73
O1 EDO I . -15.41 15.16 -8.19
C2 EDO I . -16.18 16.57 -6.38
O2 EDO I . -15.15 17.54 -6.56
C1 EDO J . 10.67 9.37 -19.75
O1 EDO J . 11.33 9.35 -21.02
C2 EDO J . 11.46 8.53 -18.75
O2 EDO J . 12.76 9.10 -18.56
C1 EDO K . 7.89 6.33 -23.99
O1 EDO K . 6.65 5.72 -24.36
C2 EDO K . 8.67 6.70 -25.23
O2 EDO K . 7.88 7.56 -26.06
C1 EDO L . -6.56 6.41 12.01
O1 EDO L . -5.67 5.67 11.18
C2 EDO L . -7.94 5.78 11.98
O2 EDO L . -8.45 5.78 10.64
C01 RG0 M . 4.93 -8.06 -1.57
C02 RG0 M . 5.18 -7.03 -0.47
C05 RG0 M . 5.21 -8.86 1.33
C06 RG0 M . 5.83 -8.89 2.70
C07 RG0 M . 5.84 -7.44 3.19
C08 RG0 M . 5.54 -6.63 2.09
C09 RG0 M . 5.47 -5.23 2.24
C10 RG0 M . 5.70 -4.65 3.48
C11 RG0 M . 6.01 -5.46 4.58
C12 RG0 M . 6.08 -6.85 4.45
C13 RG0 M . 6.43 -7.66 5.71
F14 RG0 M . 5.41 -7.57 6.60
F15 RG0 M . 7.54 -7.11 6.28
F16 RG0 M . 6.69 -8.98 5.45
N04 RG0 M . 5.31 -7.49 0.89
O03 RG0 M . 5.29 -5.88 -0.74
CL17 RG0 M . 6.31 -4.69 6.16
S SO4 N . -18.15 -9.17 12.17
O1 SO4 N . -17.67 -8.94 13.53
O2 SO4 N . -19.11 -8.15 11.80
O3 SO4 N . -17.01 -9.14 11.24
O4 SO4 N . -18.79 -10.49 12.10
#